data_6I0K
#
_entry.id   6I0K
#
_cell.length_a   55.700
_cell.length_b   48.380
_cell.length_c   60.640
_cell.angle_alpha   90.000
_cell.angle_beta   107.660
_cell.angle_gamma   90.000
#
_symmetry.space_group_name_H-M   'P 1 21 1'
#
loop_
_entity.id
_entity.type
_entity.pdbx_description
1 polymer 'Quinolinate synthase A'
2 non-polymer 'IRON/SULFUR CLUSTER'
3 non-polymer '4-mercaptoidenecyclohexa-2,5-diene-1,2-dicarboxylic acid'
4 non-polymer 'PHOSPHATE ION'
5 non-polymer 'CHLORIDE ION'
6 water water
#
_entity_poly.entity_id   1
_entity_poly.type   'polypeptide(L)'
_entity_poly.pdbx_seq_one_letter_code
;MHHHHHHMVDEILKLKKEKGYIILAHNFQIPELQDIADFVGDSLQLARKAMELSEKKILFLGVDFMAELVKILNPDKKVI
VPDRSATCPMANRLTPEIIREYREKFPDAPVVLYVNSTSECKTLADVICTSANAVEVVKKLDSSVVIFGPDRNLGEYVAE
KTGKKVITIPENGHCPVHQFNAESIDAVRKKYPDAKVIVHPECPKPVRDKADYVGSTGQMEKIPERDPSRIFVIGTEIGM
IHKLKKKFPDREFVPLEMAVCVNMKKNTLENTLHALQTESFEVILPKEVIEKAKKPILRMFELMG
;
_entity_poly.pdbx_strand_id   A
#
# COMPACT_ATOMS: atom_id res chain seq x y z
N HIS A 5 -25.69 -2.42 16.37
CA HIS A 5 -26.71 -2.37 15.29
C HIS A 5 -26.83 -3.76 14.65
N HIS A 6 -28.05 -4.17 14.33
CA HIS A 6 -28.37 -5.52 13.79
C HIS A 6 -28.13 -5.58 12.27
N HIS A 7 -28.20 -4.43 11.61
CA HIS A 7 -28.04 -4.25 10.14
C HIS A 7 -27.01 -3.16 9.86
N MET A 8 -25.77 -3.36 10.26
CA MET A 8 -24.71 -2.33 10.13
C MET A 8 -24.45 -1.99 8.66
N VAL A 9 -24.49 -2.97 7.76
CA VAL A 9 -24.26 -2.74 6.31
C VAL A 9 -25.32 -1.78 5.76
N ASP A 10 -26.60 -2.03 6.01
CA ASP A 10 -27.70 -1.20 5.45
C ASP A 10 -27.64 0.24 5.99
N GLU A 11 -27.32 0.43 7.26
CA GLU A 11 -27.21 1.77 7.89
C GLU A 11 -25.99 2.52 7.33
N ILE A 12 -24.87 1.83 7.11
CA ILE A 12 -23.65 2.41 6.45
C ILE A 12 -24.04 2.93 5.06
N LEU A 13 -24.74 2.12 4.27
CA LEU A 13 -25.09 2.52 2.90
C LEU A 13 -26.03 3.72 2.93
N LYS A 14 -26.96 3.73 3.89
CA LYS A 14 -27.93 4.83 4.09
C LYS A 14 -27.23 6.13 4.49
N LEU A 15 -26.31 6.07 5.45
CA LEU A 15 -25.62 7.29 5.95
C LEU A 15 -24.64 7.81 4.91
N LYS A 16 -23.92 6.94 4.18
CA LYS A 16 -22.94 7.43 3.17
C LYS A 16 -23.68 8.26 2.10
N LYS A 17 -24.86 7.80 1.66
CA LYS A 17 -25.64 8.50 0.60
C LYS A 17 -26.21 9.80 1.17
N GLU A 18 -26.90 9.71 2.31
CA GLU A 18 -27.47 10.86 3.04
C GLU A 18 -26.44 11.97 3.24
N LYS A 19 -25.21 11.64 3.65
CA LYS A 19 -24.19 12.64 4.09
C LYS A 19 -23.14 12.94 3.01
N GLY A 20 -23.25 12.36 1.81
CA GLY A 20 -22.40 12.71 0.66
C GLY A 20 -20.98 12.16 0.72
N TYR A 21 -20.79 11.00 1.32
CA TYR A 21 -19.48 10.31 1.44
C TYR A 21 -19.25 9.36 0.27
N ILE A 22 -18.01 9.36 -0.23
CA ILE A 22 -17.44 8.24 -1.02
C ILE A 22 -16.59 7.42 -0.06
N ILE A 23 -16.78 6.11 -0.07
CA ILE A 23 -15.95 5.18 0.75
C ILE A 23 -14.86 4.58 -0.13
N LEU A 24 -13.61 4.81 0.26
CA LEU A 24 -12.40 4.22 -0.37
C LEU A 24 -11.82 3.20 0.60
N ALA A 25 -11.60 1.98 0.14
CA ALA A 25 -11.09 0.87 0.98
C ALA A 25 -9.82 0.32 0.34
N HIS A 26 -8.80 0.13 1.14
CA HIS A 26 -7.57 -0.58 0.72
C HIS A 26 -7.85 -2.07 0.52
N ASN A 27 -7.05 -2.68 -0.36
CA ASN A 27 -7.07 -4.12 -0.65
C ASN A 27 -6.99 -4.99 0.63
N PHE A 28 -6.40 -4.49 1.73
CA PHE A 28 -6.16 -5.31 2.95
C PHE A 28 -7.28 -5.15 3.98
N GLN A 29 -8.36 -4.46 3.64
CA GLN A 29 -9.51 -4.34 4.55
C GLN A 29 -10.26 -5.68 4.60
N ILE A 30 -11.00 -5.90 5.69
CA ILE A 30 -11.86 -7.11 5.83
C ILE A 30 -12.84 -7.14 4.66
N PRO A 31 -13.25 -8.34 4.20
CA PRO A 31 -14.18 -8.44 3.07
C PRO A 31 -15.45 -7.60 3.22
N GLU A 32 -16.01 -7.52 4.43
CA GLU A 32 -17.29 -6.81 4.67
C GLU A 32 -17.14 -5.31 4.36
N LEU A 33 -15.95 -4.75 4.59
CA LEU A 33 -15.67 -3.31 4.31
C LEU A 33 -15.34 -3.14 2.83
N GLN A 34 -14.55 -4.05 2.24
CA GLN A 34 -14.31 -4.04 0.77
C GLN A 34 -15.68 -4.03 0.06
N ASP A 35 -16.64 -4.81 0.54
CA ASP A 35 -17.93 -4.98 -0.18
C ASP A 35 -18.81 -3.72 -0.04
N ILE A 36 -18.65 -2.91 1.00
CA ILE A 36 -19.46 -1.65 1.15
C ILE A 36 -18.73 -0.43 0.52
N ALA A 37 -17.49 -0.60 0.07
CA ALA A 37 -16.70 0.51 -0.50
C ALA A 37 -17.21 0.86 -1.91
N ASP A 38 -17.05 2.13 -2.29
CA ASP A 38 -17.31 2.59 -3.68
C ASP A 38 -16.14 2.16 -4.57
N PHE A 39 -14.91 2.20 -4.03
CA PHE A 39 -13.68 1.76 -4.73
C PHE A 39 -12.76 1.05 -3.76
N VAL A 40 -12.13 -0.02 -4.24
CA VAL A 40 -11.14 -0.81 -3.49
C VAL A 40 -9.87 -0.83 -4.34
N GLY A 41 -8.74 -0.48 -3.77
CA GLY A 41 -7.48 -0.57 -4.52
C GLY A 41 -6.28 -0.32 -3.65
N ASP A 42 -5.14 -0.12 -4.30
CA ASP A 42 -3.88 0.19 -3.58
C ASP A 42 -3.86 1.67 -3.22
N SER A 43 -2.87 2.12 -2.43
CA SER A 43 -2.85 3.50 -1.86
CA SER A 43 -2.82 3.51 -1.86
C SER A 43 -2.89 4.55 -2.98
N LEU A 44 -2.06 4.41 -4.00
CA LEU A 44 -1.96 5.46 -5.06
C LEU A 44 -3.19 5.39 -5.97
N GLN A 45 -3.75 4.21 -6.21
CA GLN A 45 -5.03 4.06 -6.96
C GLN A 45 -6.13 4.84 -6.27
N LEU A 46 -6.20 4.76 -4.94
CA LEU A 46 -7.30 5.39 -4.17
C LEU A 46 -7.10 6.91 -4.14
N ALA A 47 -5.85 7.36 -4.00
CA ALA A 47 -5.53 8.79 -3.98
C ALA A 47 -5.86 9.40 -5.35
N ARG A 48 -5.54 8.70 -6.42
CA ARG A 48 -5.82 9.20 -7.79
C ARG A 48 -7.32 9.19 -8.04
N LYS A 49 -8.02 8.15 -7.60
CA LYS A 49 -9.49 8.09 -7.70
C LYS A 49 -10.09 9.30 -6.97
N ALA A 50 -9.63 9.61 -5.76
CA ALA A 50 -10.15 10.74 -4.97
C ALA A 50 -10.03 12.05 -5.76
N MET A 51 -8.93 12.22 -6.50
CA MET A 51 -8.66 13.44 -7.28
C MET A 51 -9.72 13.61 -8.38
N GLU A 52 -10.30 12.52 -8.88
CA GLU A 52 -11.33 12.54 -9.97
C GLU A 52 -12.73 12.84 -9.42
N LEU A 53 -12.95 12.66 -8.13
CA LEU A 53 -14.31 12.70 -7.52
C LEU A 53 -14.88 14.12 -7.51
N SER A 54 -16.17 14.23 -7.82
CA SER A 54 -16.95 15.48 -7.64
CA SER A 54 -16.94 15.48 -7.64
C SER A 54 -17.28 15.67 -6.15
N GLU A 55 -17.34 14.56 -5.40
CA GLU A 55 -17.71 14.57 -3.96
C GLU A 55 -16.57 15.21 -3.17
N LYS A 56 -16.89 15.80 -2.03
CA LYS A 56 -15.91 16.57 -1.21
C LYS A 56 -15.71 15.89 0.15
N LYS A 57 -16.32 14.72 0.35
CA LYS A 57 -16.23 13.97 1.63
C LYS A 57 -15.85 12.51 1.35
N ILE A 58 -14.83 12.04 2.03
CA ILE A 58 -14.25 10.69 1.81
C ILE A 58 -14.20 9.99 3.14
N LEU A 59 -14.74 8.77 3.21
CA LEU A 59 -14.49 7.85 4.35
C LEU A 59 -13.42 6.88 3.87
N PHE A 60 -12.23 6.98 4.45
CA PHE A 60 -11.07 6.17 4.05
C PHE A 60 -10.88 5.00 5.01
N LEU A 61 -10.76 3.79 4.45
CA LEU A 61 -10.61 2.52 5.22
C LEU A 61 -9.26 1.89 4.87
N GLY A 62 -8.26 2.14 5.71
CA GLY A 62 -6.90 1.64 5.54
C GLY A 62 -6.09 2.03 6.76
N VAL A 63 -4.87 2.53 6.56
CA VAL A 63 -3.99 3.01 7.67
C VAL A 63 -3.58 4.46 7.41
N ASP A 64 -2.99 5.09 8.40
CA ASP A 64 -2.90 6.57 8.45
C ASP A 64 -2.12 7.11 7.24
N PHE A 65 -1.02 6.48 6.84
CA PHE A 65 -0.15 7.08 5.79
C PHE A 65 -0.93 7.16 4.48
N MET A 66 -1.86 6.21 4.27
CA MET A 66 -2.70 6.16 3.05
C MET A 66 -3.77 7.24 3.11
N ALA A 67 -4.46 7.34 4.25
CA ALA A 67 -5.49 8.40 4.45
C ALA A 67 -4.84 9.78 4.23
N GLU A 68 -3.65 9.95 4.75
CA GLU A 68 -2.90 11.22 4.65
C GLU A 68 -2.48 11.46 3.19
N LEU A 69 -2.05 10.42 2.48
CA LEU A 69 -1.73 10.53 1.03
C LEU A 69 -2.96 11.06 0.30
N VAL A 70 -4.14 10.52 0.59
CA VAL A 70 -5.40 11.03 -0.02
C VAL A 70 -5.57 12.52 0.34
N LYS A 71 -5.37 12.89 1.61
CA LYS A 71 -5.55 14.29 2.06
C LYS A 71 -4.54 15.21 1.37
N ILE A 72 -3.27 14.79 1.27
CA ILE A 72 -2.18 15.60 0.63
C ILE A 72 -2.58 15.93 -0.81
N LEU A 73 -3.13 14.97 -1.56
CA LEU A 73 -3.50 15.14 -2.98
C LEU A 73 -4.92 15.72 -3.13
N ASN A 74 -5.67 15.81 -2.05
CA ASN A 74 -7.09 16.28 -2.03
C ASN A 74 -7.28 17.21 -0.84
N PRO A 75 -6.47 18.29 -0.74
CA PRO A 75 -6.41 19.08 0.48
C PRO A 75 -7.73 19.75 0.89
N ASP A 76 -8.63 20.00 -0.07
CA ASP A 76 -9.91 20.70 0.23
C ASP A 76 -11.03 19.70 0.53
N LYS A 77 -10.78 18.40 0.42
CA LYS A 77 -11.78 17.37 0.78
C LYS A 77 -11.68 17.05 2.27
N LYS A 78 -12.82 16.74 2.88
CA LYS A 78 -12.89 16.19 4.26
C LYS A 78 -12.67 14.69 4.16
N VAL A 79 -11.61 14.21 4.80
CA VAL A 79 -11.23 12.79 4.80
C VAL A 79 -11.38 12.32 6.25
N ILE A 80 -12.26 11.36 6.50
CA ILE A 80 -12.40 10.76 7.85
C ILE A 80 -11.94 9.30 7.85
N VAL A 81 -11.51 8.81 9.01
CA VAL A 81 -11.14 7.39 9.22
C VAL A 81 -11.83 6.88 10.48
N PRO A 82 -12.20 5.59 10.53
CA PRO A 82 -12.92 5.07 11.69
C PRO A 82 -12.03 4.81 12.91
N ASP A 83 -10.74 4.49 12.70
CA ASP A 83 -9.78 4.22 13.80
C ASP A 83 -8.53 5.07 13.55
N ARG A 84 -8.36 6.10 14.37
CA ARG A 84 -7.28 7.09 14.14
C ARG A 84 -5.91 6.51 14.50
N SER A 85 -5.83 5.33 15.14
CA SER A 85 -4.57 4.67 15.54
C SER A 85 -4.07 3.71 14.46
N ALA A 86 -4.91 3.41 13.46
CA ALA A 86 -4.53 2.48 12.37
C ALA A 86 -3.31 3.07 11.65
N THR A 87 -2.18 2.37 11.71
CA THR A 87 -0.88 2.91 11.30
C THR A 87 -0.04 1.77 10.72
N CYS A 88 1.12 2.11 10.17
CA CYS A 88 2.07 1.11 9.64
C CYS A 88 3.28 1.07 10.57
N PRO A 89 3.43 0.01 11.40
CA PRO A 89 4.61 -0.07 12.25
C PRO A 89 5.92 0.01 11.45
N MET A 90 5.95 -0.47 10.20
CA MET A 90 7.18 -0.39 9.36
C MET A 90 7.49 1.08 9.04
N ALA A 91 6.51 1.82 8.53
CA ALA A 91 6.68 3.25 8.23
C ALA A 91 7.25 3.95 9.47
N ASN A 92 6.72 3.61 10.65
CA ASN A 92 6.96 4.41 11.89
C ASN A 92 8.39 4.23 12.40
N ARG A 93 9.14 3.20 11.95
CA ARG A 93 10.54 2.98 12.38
C ARG A 93 11.52 3.91 11.64
N LEU A 94 11.10 4.53 10.54
CA LEU A 94 11.96 5.54 9.85
C LEU A 94 11.64 6.92 10.44
N THR A 95 12.68 7.69 10.78
CA THR A 95 12.54 9.02 11.40
C THR A 95 13.23 10.10 10.58
N PRO A 96 12.82 11.38 10.77
CA PRO A 96 13.54 12.51 10.19
C PRO A 96 15.04 12.50 10.48
N GLU A 97 15.40 12.09 11.71
CA GLU A 97 16.81 12.11 12.19
C GLU A 97 17.63 11.15 11.32
N ILE A 98 17.09 9.98 11.00
CA ILE A 98 17.81 8.93 10.21
C ILE A 98 17.95 9.43 8.77
N ILE A 99 16.93 10.06 8.20
CA ILE A 99 17.02 10.60 6.83
C ILE A 99 18.12 11.67 6.81
N ARG A 100 18.09 12.61 7.76
CA ARG A 100 19.10 13.71 7.78
C ARG A 100 20.50 13.13 7.91
N GLU A 101 20.69 12.11 8.76
CA GLU A 101 22.00 11.44 8.96
C GLU A 101 22.53 10.95 7.61
N TYR A 102 21.72 10.23 6.86
CA TYR A 102 22.15 9.54 5.62
C TYR A 102 22.33 10.55 4.48
N ARG A 103 21.54 11.62 4.46
CA ARG A 103 21.69 12.68 3.45
C ARG A 103 23.08 13.30 3.62
N GLU A 104 23.45 13.55 4.87
CA GLU A 104 24.75 14.18 5.20
C GLU A 104 25.90 13.28 4.71
N LYS A 105 25.83 11.96 4.92
CA LYS A 105 26.92 11.03 4.52
C LYS A 105 26.94 10.77 3.02
N PHE A 106 25.78 10.77 2.37
CA PHE A 106 25.63 10.46 0.93
C PHE A 106 24.89 11.60 0.22
N PRO A 107 25.47 12.83 0.16
CA PRO A 107 24.75 14.00 -0.33
C PRO A 107 24.36 13.96 -1.81
N ASP A 108 25.00 13.10 -2.61
CA ASP A 108 24.68 12.97 -4.05
C ASP A 108 23.68 11.85 -4.30
N ALA A 109 23.21 11.17 -3.24
CA ALA A 109 22.23 10.06 -3.33
C ALA A 109 20.82 10.60 -3.07
N PRO A 110 19.92 10.60 -4.08
CA PRO A 110 18.54 11.03 -3.84
C PRO A 110 17.90 10.14 -2.77
N VAL A 111 17.05 10.74 -1.94
CA VAL A 111 16.26 10.02 -0.91
C VAL A 111 14.96 9.58 -1.57
N VAL A 112 14.85 8.28 -1.83
CA VAL A 112 13.66 7.64 -2.42
C VAL A 112 12.87 6.98 -1.29
N LEU A 113 11.68 7.49 -1.00
CA LEU A 113 10.86 6.93 0.11
CA LEU A 113 10.84 6.99 0.10
C LEU A 113 9.69 6.15 -0.46
N TYR A 114 9.59 4.91 -0.01
CA TYR A 114 8.43 4.03 -0.28
C TYR A 114 7.21 4.77 0.29
N VAL A 115 6.10 4.74 -0.45
CA VAL A 115 4.83 5.40 -0.06
C VAL A 115 4.41 4.95 1.35
N ASN A 116 4.77 3.73 1.73
CA ASN A 116 4.56 3.20 3.10
C ASN A 116 5.61 3.88 3.98
N SER A 117 5.35 5.15 4.30
CA SER A 117 6.22 6.07 5.08
C SER A 117 5.33 7.13 5.71
N THR A 118 5.78 7.72 6.82
CA THR A 118 5.02 8.80 7.49
C THR A 118 5.00 10.05 6.60
N SER A 119 3.96 10.84 6.74
CA SER A 119 3.85 12.11 5.98
C SER A 119 5.00 13.03 6.39
N GLU A 120 5.44 12.98 7.65
CA GLU A 120 6.58 13.80 8.12
C GLU A 120 7.82 13.39 7.33
N CYS A 121 8.07 12.09 7.21
CA CYS A 121 9.20 11.56 6.42
C CYS A 121 9.05 12.00 4.95
N LYS A 122 7.83 11.99 4.39
CA LYS A 122 7.63 12.40 2.97
C LYS A 122 8.13 13.85 2.77
N THR A 123 7.94 14.72 3.75
CA THR A 123 8.40 16.14 3.65
C THR A 123 9.91 16.22 3.45
N LEU A 124 10.64 15.15 3.74
CA LEU A 124 12.13 15.15 3.67
CA LEU A 124 12.11 15.11 3.70
C LEU A 124 12.65 14.32 2.47
N ALA A 125 11.75 13.77 1.65
CA ALA A 125 12.11 12.90 0.52
C ALA A 125 12.39 13.70 -0.75
N ASP A 126 13.22 13.15 -1.64
CA ASP A 126 13.41 13.68 -3.02
C ASP A 126 12.32 13.13 -3.94
N VAL A 127 11.94 11.86 -3.76
CA VAL A 127 10.88 11.23 -4.59
C VAL A 127 10.19 10.14 -3.77
N ILE A 128 8.91 9.93 -4.04
CA ILE A 128 8.12 8.80 -3.49
C ILE A 128 8.10 7.70 -4.55
N CYS A 129 8.00 6.46 -4.11
CA CYS A 129 7.71 5.33 -5.02
C CYS A 129 6.68 4.41 -4.38
N THR A 130 6.04 3.60 -5.22
CA THR A 130 5.15 2.49 -4.82
C THR A 130 5.93 1.19 -5.04
N SER A 131 5.43 0.05 -4.60
CA SER A 131 6.10 -1.26 -4.86
C SER A 131 6.02 -1.58 -6.36
N ALA A 132 5.01 -1.09 -7.07
CA ALA A 132 4.83 -1.28 -8.53
C ALA A 132 5.84 -0.48 -9.35
N ASN A 133 6.18 0.74 -8.92
CA ASN A 133 6.94 1.69 -9.79
C ASN A 133 8.36 1.95 -9.25
N ALA A 134 8.78 1.34 -8.14
CA ALA A 134 10.06 1.63 -7.47
C ALA A 134 11.25 1.37 -8.43
N VAL A 135 11.21 0.27 -9.17
CA VAL A 135 12.30 -0.11 -10.11
C VAL A 135 12.41 0.98 -11.20
N GLU A 136 11.29 1.35 -11.80
CA GLU A 136 11.26 2.33 -12.92
C GLU A 136 11.69 3.69 -12.39
N VAL A 137 11.18 4.11 -11.23
CA VAL A 137 11.55 5.41 -10.60
C VAL A 137 13.06 5.45 -10.39
N VAL A 138 13.65 4.42 -9.79
CA VAL A 138 15.09 4.42 -9.42
C VAL A 138 15.95 4.28 -10.68
N LYS A 139 15.48 3.53 -11.68
CA LYS A 139 16.14 3.42 -13.01
C LYS A 139 16.22 4.81 -13.67
N LYS A 140 15.15 5.61 -13.58
CA LYS A 140 15.04 6.89 -14.31
C LYS A 140 15.80 8.02 -13.61
N LEU A 141 16.11 7.90 -12.32
CA LEU A 141 16.93 8.93 -11.61
C LEU A 141 18.32 8.98 -12.24
N ASP A 142 18.92 10.17 -12.28
CA ASP A 142 20.30 10.39 -12.80
C ASP A 142 21.29 9.49 -12.05
N SER A 143 21.17 9.46 -10.72
CA SER A 143 22.18 8.87 -9.80
C SER A 143 22.26 7.35 -9.99
N SER A 144 23.46 6.80 -9.81
CA SER A 144 23.73 5.35 -9.73
C SER A 144 23.71 4.91 -8.27
N VAL A 145 23.40 5.83 -7.36
CA VAL A 145 23.28 5.54 -5.90
C VAL A 145 22.03 6.22 -5.38
N VAL A 146 21.24 5.51 -4.59
CA VAL A 146 20.05 6.13 -3.94
C VAL A 146 19.98 5.70 -2.48
N ILE A 147 19.32 6.52 -1.68
CA ILE A 147 18.91 6.20 -0.30
C ILE A 147 17.47 5.73 -0.41
N PHE A 148 17.15 4.61 0.23
CA PHE A 148 15.83 3.97 0.12
C PHE A 148 15.34 3.50 1.49
N GLY A 149 14.12 3.87 1.82
CA GLY A 149 13.42 3.31 2.99
C GLY A 149 11.91 3.42 2.85
N PRO A 150 11.13 2.87 3.80
CA PRO A 150 11.66 2.16 4.97
C PRO A 150 11.79 0.63 4.89
N ASP A 151 11.58 0.03 3.72
CA ASP A 151 11.59 -1.45 3.57
CA ASP A 151 11.58 -1.45 3.56
C ASP A 151 12.90 -1.89 2.92
N ARG A 152 13.71 -2.64 3.67
CA ARG A 152 15.01 -3.16 3.19
C ARG A 152 14.80 -4.20 2.09
N ASN A 153 13.75 -5.03 2.18
CA ASN A 153 13.50 -6.09 1.16
C ASN A 153 13.19 -5.45 -0.20
N LEU A 154 12.29 -4.46 -0.25
CA LEU A 154 11.94 -3.78 -1.51
C LEU A 154 13.20 -3.09 -2.06
N GLY A 155 13.98 -2.47 -1.16
CA GLY A 155 15.23 -1.78 -1.54
C GLY A 155 16.17 -2.73 -2.24
N GLU A 156 16.33 -3.94 -1.68
CA GLU A 156 17.29 -4.93 -2.22
C GLU A 156 16.79 -5.47 -3.57
N TYR A 157 15.48 -5.73 -3.69
CA TYR A 157 14.78 -6.05 -4.96
C TYR A 157 15.10 -5.00 -6.02
N VAL A 158 14.95 -3.71 -5.68
CA VAL A 158 15.22 -2.58 -6.60
C VAL A 158 16.70 -2.62 -7.03
N ALA A 159 17.62 -2.84 -6.10
CA ALA A 159 19.06 -2.93 -6.40
C ALA A 159 19.32 -4.08 -7.40
N GLU A 160 18.67 -5.23 -7.20
CA GLU A 160 18.76 -6.41 -8.10
C GLU A 160 18.32 -6.04 -9.52
N LYS A 161 17.19 -5.35 -9.67
CA LYS A 161 16.57 -5.10 -10.99
C LYS A 161 17.29 -3.96 -11.73
N THR A 162 17.76 -2.94 -11.01
CA THR A 162 18.32 -1.72 -11.61
C THR A 162 19.84 -1.84 -11.75
N GLY A 163 20.48 -2.67 -10.93
CA GLY A 163 21.94 -2.75 -10.82
C GLY A 163 22.55 -1.52 -10.16
N LYS A 164 21.74 -0.64 -9.59
CA LYS A 164 22.22 0.54 -8.84
C LYS A 164 22.47 0.15 -7.39
N LYS A 165 23.30 0.94 -6.72
CA LYS A 165 23.56 0.85 -5.28
C LYS A 165 22.36 1.45 -4.53
N VAL A 166 21.76 0.69 -3.64
CA VAL A 166 20.59 1.14 -2.84
C VAL A 166 20.96 1.07 -1.37
N ILE A 167 21.04 2.23 -0.73
CA ILE A 167 21.43 2.32 0.70
C ILE A 167 20.16 2.32 1.52
N THR A 168 19.87 1.23 2.23
CA THR A 168 18.56 1.03 2.89
C THR A 168 18.56 1.64 4.29
N ILE A 169 17.46 2.30 4.64
CA ILE A 169 17.20 2.86 5.99
C ILE A 169 15.75 2.56 6.35
N PRO A 170 15.43 2.33 7.65
CA PRO A 170 16.39 2.23 8.74
C PRO A 170 17.10 0.86 8.70
N GLU A 171 17.85 0.53 9.76
CA GLU A 171 18.46 -0.82 9.91
C GLU A 171 17.33 -1.83 10.15
N ASN A 172 17.37 -2.94 9.41
CA ASN A 172 16.37 -4.05 9.46
C ASN A 172 14.96 -3.53 9.20
N GLY A 173 14.79 -2.56 8.30
CA GLY A 173 13.47 -2.06 7.89
C GLY A 173 12.70 -3.14 7.16
N HIS A 174 11.51 -3.51 7.63
CA HIS A 174 10.74 -4.61 7.02
C HIS A 174 9.29 -4.63 7.49
N CYS A 175 8.46 -5.29 6.70
CA CYS A 175 7.04 -5.53 6.97
C CYS A 175 6.91 -6.91 7.57
N PRO A 176 6.42 -7.04 8.83
CA PRO A 176 6.25 -8.35 9.46
C PRO A 176 5.26 -9.24 8.69
N VAL A 177 4.29 -8.62 8.02
CA VAL A 177 3.18 -9.35 7.33
C VAL A 177 3.77 -10.20 6.20
N HIS A 178 4.82 -9.73 5.54
CA HIS A 178 5.35 -10.35 4.30
C HIS A 178 6.53 -11.28 4.59
N GLN A 179 6.80 -11.62 5.86
CA GLN A 179 7.93 -12.52 6.22
C GLN A 179 7.45 -13.96 6.16
N PHE A 180 7.06 -14.42 4.97
CA PHE A 180 6.66 -15.83 4.73
C PHE A 180 7.90 -16.72 4.85
N ASN A 181 7.68 -18.00 5.15
CA ASN A 181 8.72 -19.07 5.11
C ASN A 181 8.83 -19.59 3.67
N ALA A 182 10.06 -19.72 3.15
CA ALA A 182 10.35 -20.26 1.79
C ALA A 182 9.83 -21.70 1.68
N GLU A 183 9.90 -22.45 2.78
CA GLU A 183 9.36 -23.83 2.87
C GLU A 183 7.85 -23.89 2.55
N SER A 184 7.13 -22.78 2.73
CA SER A 184 5.68 -22.68 2.37
C SER A 184 5.51 -22.82 0.86
N ILE A 185 6.40 -22.24 0.06
CA ILE A 185 6.36 -22.41 -1.42
C ILE A 185 6.67 -23.88 -1.75
N ASP A 186 7.69 -24.48 -1.11
CA ASP A 186 8.06 -25.89 -1.37
C ASP A 186 6.83 -26.77 -1.14
N ALA A 187 6.07 -26.49 -0.08
CA ALA A 187 4.85 -27.24 0.29
C ALA A 187 3.72 -27.06 -0.74
N VAL A 188 3.46 -25.85 -1.26
CA VAL A 188 2.38 -25.66 -2.28
C VAL A 188 2.79 -26.26 -3.63
N ARG A 189 4.07 -26.18 -4.01
CA ARG A 189 4.55 -26.76 -5.29
C ARG A 189 4.13 -28.23 -5.38
N LYS A 190 4.30 -28.97 -4.29
CA LYS A 190 3.94 -30.41 -4.19
C LYS A 190 2.42 -30.57 -4.15
N LYS A 191 1.73 -29.72 -3.41
CA LYS A 191 0.26 -29.80 -3.20
C LYS A 191 -0.50 -29.37 -4.46
N TYR A 192 -0.03 -28.32 -5.15
CA TYR A 192 -0.58 -27.82 -6.43
C TYR A 192 0.56 -27.63 -7.44
N PRO A 193 0.98 -28.69 -8.14
CA PRO A 193 2.07 -28.60 -9.12
C PRO A 193 1.86 -27.60 -10.27
N ASP A 194 0.61 -27.30 -10.63
CA ASP A 194 0.28 -26.39 -11.75
C ASP A 194 -0.11 -24.98 -11.26
N ALA A 195 -0.05 -24.73 -9.95
CA ALA A 195 -0.34 -23.39 -9.39
C ALA A 195 0.81 -22.44 -9.76
N LYS A 196 0.47 -21.18 -10.03
CA LYS A 196 1.43 -20.07 -10.17
C LYS A 196 1.51 -19.34 -8.83
N VAL A 197 2.72 -19.14 -8.34
CA VAL A 197 3.00 -18.48 -7.04
C VAL A 197 3.36 -17.02 -7.32
N ILE A 198 2.54 -16.10 -6.79
CA ILE A 198 2.80 -14.63 -6.87
C ILE A 198 3.12 -14.14 -5.45
N VAL A 199 4.27 -13.48 -5.27
CA VAL A 199 4.63 -12.91 -3.94
C VAL A 199 4.98 -11.43 -4.11
N HIS A 200 4.89 -10.69 -3.00
CA HIS A 200 5.16 -9.24 -2.94
C HIS A 200 6.67 -9.01 -2.90
N PRO A 201 7.19 -7.93 -3.53
CA PRO A 201 8.60 -7.58 -3.36
C PRO A 201 9.06 -7.27 -1.93
N GLU A 202 8.13 -7.04 -0.99
CA GLU A 202 8.45 -6.85 0.45
C GLU A 202 8.79 -8.20 1.08
N CYS A 203 8.55 -9.31 0.39
CA CYS A 203 8.96 -10.65 0.86
C CYS A 203 10.48 -10.77 0.87
N PRO A 204 11.03 -11.62 1.76
CA PRO A 204 12.47 -11.90 1.77
C PRO A 204 12.94 -12.60 0.48
N LYS A 205 14.23 -12.44 0.19
CA LYS A 205 14.83 -12.83 -1.11
C LYS A 205 14.59 -14.31 -1.41
N PRO A 206 14.78 -15.23 -0.42
CA PRO A 206 14.50 -16.65 -0.66
C PRO A 206 13.07 -16.96 -1.10
N VAL A 207 12.09 -16.19 -0.62
CA VAL A 207 10.66 -16.31 -1.01
C VAL A 207 10.45 -15.76 -2.43
N ARG A 208 10.99 -14.57 -2.71
CA ARG A 208 10.87 -13.91 -4.03
C ARG A 208 11.43 -14.83 -5.13
N ASP A 209 12.58 -15.43 -4.88
CA ASP A 209 13.35 -16.19 -5.89
C ASP A 209 12.67 -17.52 -6.21
N LYS A 210 11.81 -18.03 -5.31
CA LYS A 210 11.07 -19.29 -5.52
C LYS A 210 9.68 -19.05 -6.12
N ALA A 211 9.27 -17.80 -6.34
CA ALA A 211 7.94 -17.47 -6.90
C ALA A 211 8.01 -17.41 -8.42
N ASP A 212 6.86 -17.65 -9.06
CA ASP A 212 6.68 -17.48 -10.52
C ASP A 212 6.62 -15.99 -10.85
N TYR A 213 5.94 -15.19 -10.03
CA TYR A 213 5.82 -13.72 -10.21
C TYR A 213 6.14 -12.99 -8.90
N VAL A 214 6.78 -11.82 -9.01
CA VAL A 214 6.91 -10.84 -7.91
C VAL A 214 6.17 -9.57 -8.33
N GLY A 215 5.24 -9.10 -7.51
CA GLY A 215 4.64 -7.80 -7.80
C GLY A 215 3.86 -7.23 -6.64
N SER A 216 3.49 -5.97 -6.80
CA SER A 216 2.59 -5.20 -5.90
C SER A 216 1.19 -5.80 -5.94
N THR A 217 0.32 -5.39 -5.04
CA THR A 217 -1.09 -5.88 -5.05
C THR A 217 -1.77 -5.49 -6.38
N GLY A 218 -1.56 -4.25 -6.85
CA GLY A 218 -2.08 -3.78 -8.15
C GLY A 218 -1.59 -4.64 -9.30
N GLN A 219 -0.32 -5.07 -9.25
CA GLN A 219 0.26 -5.96 -10.28
C GLN A 219 -0.35 -7.35 -10.16
N MET A 220 -0.43 -7.88 -8.93
CA MET A 220 -1.08 -9.19 -8.67
C MET A 220 -2.46 -9.27 -9.32
N GLU A 221 -3.29 -8.23 -9.24
CA GLU A 221 -4.70 -8.33 -9.73
CA GLU A 221 -4.69 -8.31 -9.72
C GLU A 221 -4.74 -8.22 -11.26
N LYS A 222 -3.63 -7.87 -11.89
CA LYS A 222 -3.54 -7.87 -13.38
C LYS A 222 -2.96 -9.19 -13.92
N ILE A 223 -2.32 -10.02 -13.10
CA ILE A 223 -1.62 -11.23 -13.64
C ILE A 223 -2.63 -12.23 -14.22
N PRO A 224 -3.79 -12.50 -13.58
CA PRO A 224 -4.80 -13.36 -14.20
C PRO A 224 -5.41 -12.80 -15.49
N GLU A 225 -5.19 -11.51 -15.80
CA GLU A 225 -5.66 -10.92 -17.08
C GLU A 225 -4.80 -11.42 -18.25
N ARG A 226 -3.58 -11.90 -17.98
CA ARG A 226 -2.66 -12.40 -19.05
C ARG A 226 -2.24 -13.86 -18.83
N ASP A 227 -2.43 -14.41 -17.63
CA ASP A 227 -2.06 -15.80 -17.29
C ASP A 227 -3.35 -16.58 -17.08
N PRO A 228 -3.66 -17.60 -17.93
CA PRO A 228 -4.91 -18.33 -17.83
C PRO A 228 -4.91 -19.47 -16.81
N SER A 229 -3.91 -19.52 -15.92
CA SER A 229 -3.74 -20.61 -14.92
C SER A 229 -4.98 -20.68 -14.03
N ARG A 230 -5.32 -21.90 -13.60
CA ARG A 230 -6.54 -22.17 -12.81
C ARG A 230 -6.31 -21.77 -11.36
N ILE A 231 -5.09 -21.93 -10.86
CA ILE A 231 -4.78 -21.73 -9.42
C ILE A 231 -3.63 -20.75 -9.29
N PHE A 232 -3.80 -19.77 -8.40
CA PHE A 232 -2.73 -18.83 -8.01
C PHE A 232 -2.53 -18.94 -6.50
N VAL A 233 -1.27 -18.98 -6.09
CA VAL A 233 -0.88 -18.93 -4.66
C VAL A 233 -0.37 -17.52 -4.40
N ILE A 234 -0.94 -16.84 -3.40
CA ILE A 234 -0.75 -15.40 -3.18
C ILE A 234 0.06 -15.16 -1.91
N GLY A 235 1.23 -14.55 -2.05
CA GLY A 235 2.11 -14.18 -0.93
C GLY A 235 1.98 -12.71 -0.59
N THR A 236 0.84 -12.31 -0.04
CA THR A 236 0.64 -10.96 0.54
C THR A 236 -0.41 -11.07 1.64
N GLU A 237 -0.87 -9.94 2.14
CA GLU A 237 -1.87 -9.88 3.24
C GLU A 237 -3.18 -10.53 2.78
N ILE A 238 -3.85 -11.21 3.70
CA ILE A 238 -5.06 -12.05 3.42
C ILE A 238 -6.17 -11.27 2.70
N GLY A 239 -6.25 -9.96 2.87
CA GLY A 239 -7.34 -9.18 2.27
C GLY A 239 -7.37 -9.31 0.76
N MET A 240 -6.22 -9.52 0.14
CA MET A 240 -6.09 -9.58 -1.34
C MET A 240 -6.78 -10.85 -1.88
N ILE A 241 -6.92 -11.91 -1.08
CA ILE A 241 -7.61 -13.16 -1.54
C ILE A 241 -9.04 -12.82 -1.93
N HIS A 242 -9.74 -12.07 -1.08
CA HIS A 242 -11.14 -11.67 -1.31
C HIS A 242 -11.22 -10.83 -2.58
N LYS A 243 -10.32 -9.85 -2.71
CA LYS A 243 -10.24 -8.92 -3.87
C LYS A 243 -10.09 -9.74 -5.16
N LEU A 244 -9.12 -10.66 -5.18
CA LEU A 244 -8.86 -11.48 -6.38
C LEU A 244 -10.04 -12.42 -6.69
N LYS A 245 -10.59 -13.11 -5.68
CA LYS A 245 -11.72 -14.05 -5.89
C LYS A 245 -12.91 -13.30 -6.49
N LYS A 246 -13.19 -12.08 -6.04
CA LYS A 246 -14.29 -11.25 -6.58
C LYS A 246 -14.01 -10.90 -8.05
N LYS A 247 -12.78 -10.50 -8.39
CA LYS A 247 -12.42 -10.04 -9.76
CA LYS A 247 -12.43 -10.04 -9.76
C LYS A 247 -12.38 -11.23 -10.73
N PHE A 248 -11.94 -12.40 -10.25
CA PHE A 248 -11.72 -13.62 -11.07
C PHE A 248 -12.43 -14.81 -10.43
N PRO A 249 -13.78 -14.83 -10.46
CA PRO A 249 -14.54 -15.89 -9.80
C PRO A 249 -14.29 -17.29 -10.37
N ASP A 250 -13.74 -17.33 -11.59
CA ASP A 250 -13.42 -18.56 -12.36
C ASP A 250 -12.12 -19.23 -11.88
N ARG A 251 -11.28 -18.50 -11.13
CA ARG A 251 -9.97 -19.04 -10.68
C ARG A 251 -10.02 -19.36 -9.18
N GLU A 252 -9.02 -20.09 -8.73
CA GLU A 252 -8.80 -20.39 -7.30
CA GLU A 252 -8.80 -20.37 -7.29
C GLU A 252 -7.60 -19.54 -6.78
N PHE A 253 -7.77 -18.90 -5.63
CA PHE A 253 -6.69 -18.11 -4.97
C PHE A 253 -6.41 -18.70 -3.59
N VAL A 254 -5.19 -19.15 -3.41
CA VAL A 254 -4.76 -19.84 -2.18
C VAL A 254 -3.75 -18.97 -1.46
N PRO A 255 -3.94 -18.61 -0.17
CA PRO A 255 -2.92 -17.87 0.56
C PRO A 255 -1.67 -18.72 0.70
N LEU A 256 -0.50 -18.16 0.48
CA LEU A 256 0.79 -18.87 0.71
C LEU A 256 0.87 -19.28 2.20
N GLU A 257 0.54 -18.32 3.07
CA GLU A 257 0.24 -18.52 4.51
C GLU A 257 -0.82 -17.49 4.91
N MET A 258 -1.47 -17.71 6.04
CA MET A 258 -2.34 -16.69 6.67
C MET A 258 -1.43 -15.55 7.16
N ALA A 259 -1.57 -14.36 6.58
CA ALA A 259 -0.78 -13.18 6.97
C ALA A 259 -1.76 -12.02 7.15
N VAL A 260 -1.86 -11.52 8.38
CA VAL A 260 -2.82 -10.47 8.76
C VAL A 260 -2.05 -9.24 9.23
N CYS A 261 -2.40 -8.09 8.67
CA CYS A 261 -1.92 -6.78 9.16
C CYS A 261 -2.87 -6.35 10.28
N VAL A 262 -2.43 -6.40 11.53
CA VAL A 262 -3.33 -6.11 12.68
C VAL A 262 -3.91 -4.70 12.53
N ASN A 263 -3.10 -3.76 12.04
CA ASN A 263 -3.57 -2.35 11.90
C ASN A 263 -4.66 -2.25 10.85
N MET A 264 -4.52 -2.95 9.73
CA MET A 264 -5.55 -2.95 8.67
C MET A 264 -6.89 -3.50 9.22
N LYS A 265 -6.81 -4.47 10.14
CA LYS A 265 -8.00 -5.14 10.71
C LYS A 265 -8.60 -4.35 11.89
N LYS A 266 -8.01 -3.19 12.23
CA LYS A 266 -8.60 -2.29 13.25
C LYS A 266 -9.94 -1.74 12.77
N ASN A 267 -10.12 -1.61 11.46
CA ASN A 267 -11.38 -1.10 10.88
C ASN A 267 -12.41 -2.22 10.80
N THR A 268 -13.57 -1.96 11.37
CA THR A 268 -14.69 -2.92 11.51
C THR A 268 -15.96 -2.26 10.96
N LEU A 269 -17.01 -3.06 10.74
CA LEU A 269 -18.34 -2.52 10.40
C LEU A 269 -18.80 -1.55 11.50
N GLU A 270 -18.57 -1.89 12.77
CA GLU A 270 -19.09 -1.09 13.90
C GLU A 270 -18.42 0.29 13.94
N ASN A 271 -17.09 0.36 13.83
CA ASN A 271 -16.40 1.67 13.94
C ASN A 271 -16.57 2.44 12.62
N THR A 272 -16.82 1.74 11.51
CA THR A 272 -17.13 2.40 10.21
C THR A 272 -18.50 3.08 10.32
N LEU A 273 -19.49 2.37 10.86
CA LEU A 273 -20.81 2.99 11.13
C LEU A 273 -20.63 4.20 12.06
N HIS A 274 -19.89 4.09 13.15
CA HIS A 274 -19.68 5.20 14.12
C HIS A 274 -19.09 6.43 13.40
N ALA A 275 -18.16 6.19 12.48
CA ALA A 275 -17.48 7.25 11.68
C ALA A 275 -18.51 8.02 10.86
N LEU A 276 -19.45 7.33 10.21
CA LEU A 276 -20.49 8.01 9.41
C LEU A 276 -21.52 8.71 10.31
N GLN A 277 -21.84 8.15 11.48
CA GLN A 277 -22.79 8.77 12.43
C GLN A 277 -22.24 10.12 12.92
N THR A 278 -20.94 10.16 13.27
CA THR A 278 -20.28 11.29 13.94
C THR A 278 -19.45 12.14 12.97
N GLU A 279 -19.26 11.68 11.73
CA GLU A 279 -18.39 12.29 10.70
C GLU A 279 -17.00 12.58 11.29
N SER A 280 -16.43 11.59 11.99
CA SER A 280 -15.09 11.61 12.62
C SER A 280 -14.42 10.29 12.28
N PHE A 281 -13.07 10.20 12.26
CA PHE A 281 -12.15 11.23 12.69
C PHE A 281 -11.47 11.87 11.51
N GLU A 282 -11.54 13.19 11.45
CA GLU A 282 -11.02 13.93 10.30
C GLU A 282 -9.49 13.85 10.29
N VAL A 283 -8.95 13.58 9.12
CA VAL A 283 -7.50 13.58 8.83
C VAL A 283 -7.09 15.03 8.59
N ILE A 284 -6.22 15.56 9.46
CA ILE A 284 -5.76 16.97 9.41
C ILE A 284 -4.24 16.99 9.38
N LEU A 285 -3.69 17.63 8.36
CA LEU A 285 -2.25 17.89 8.24
C LEU A 285 -2.06 19.39 8.20
N PRO A 286 -1.03 19.95 8.85
CA PRO A 286 -0.67 21.34 8.62
C PRO A 286 -0.49 21.63 7.11
N LYS A 287 -0.91 22.82 6.67
CA LYS A 287 -0.78 23.27 5.26
C LYS A 287 0.67 23.09 4.77
N GLU A 288 1.65 23.37 5.64
CA GLU A 288 3.10 23.31 5.29
C GLU A 288 3.51 21.86 5.05
N VAL A 289 2.95 20.90 5.81
CA VAL A 289 3.25 19.45 5.61
C VAL A 289 2.68 19.00 4.26
N ILE A 290 1.48 19.41 3.91
CA ILE A 290 0.87 19.07 2.60
C ILE A 290 1.78 19.62 1.49
N GLU A 291 2.16 20.90 1.60
CA GLU A 291 3.00 21.57 0.57
C GLU A 291 4.34 20.85 0.41
N LYS A 292 4.99 20.49 1.52
CA LYS A 292 6.34 19.87 1.46
C LYS A 292 6.27 18.42 0.96
N ALA A 293 5.33 17.63 1.47
CA ALA A 293 5.16 16.22 1.07
C ALA A 293 4.71 16.12 -0.39
N LYS A 294 4.04 17.14 -0.90
CA LYS A 294 3.56 17.12 -2.29
C LYS A 294 4.72 17.12 -3.28
N LYS A 295 5.84 17.76 -2.96
CA LYS A 295 7.01 17.88 -3.88
C LYS A 295 7.52 16.52 -4.36
N PRO A 296 7.89 15.57 -3.47
CA PRO A 296 8.38 14.28 -3.96
C PRO A 296 7.33 13.39 -4.63
N ILE A 297 6.05 13.62 -4.32
CA ILE A 297 4.91 12.92 -4.97
C ILE A 297 4.80 13.41 -6.43
N LEU A 298 4.83 14.72 -6.65
CA LEU A 298 4.83 15.29 -8.04
C LEU A 298 6.07 14.82 -8.80
N ARG A 299 7.21 14.74 -8.13
CA ARG A 299 8.45 14.25 -8.76
C ARG A 299 8.23 12.82 -9.26
N MET A 300 7.54 11.99 -8.49
CA MET A 300 7.25 10.59 -8.87
C MET A 300 6.38 10.60 -10.13
N PHE A 301 5.32 11.41 -10.16
CA PHE A 301 4.42 11.53 -11.32
C PHE A 301 5.20 12.01 -12.55
N GLU A 302 6.11 12.97 -12.38
CA GLU A 302 6.98 13.50 -13.45
C GLU A 302 7.84 12.36 -14.02
N LEU A 303 8.42 11.52 -13.18
CA LEU A 303 9.32 10.43 -13.65
C LEU A 303 8.50 9.33 -14.36
N MET A 304 7.26 9.08 -13.95
CA MET A 304 6.39 8.01 -14.51
C MET A 304 5.49 8.52 -15.64
N GLY A 305 5.52 9.82 -15.96
CA GLY A 305 4.63 10.43 -16.96
C GLY A 305 5.06 10.09 -18.38
#